data_3A78
#
_entry.id   3A78
#
_cell.length_a   44.889
_cell.length_b   51.120
_cell.length_c   132.196
_cell.angle_alpha   90.00
_cell.angle_beta   90.00
_cell.angle_gamma   90.00
#
_symmetry.space_group_name_H-M   'P 21 21 21'
#
loop_
_entity.id
_entity.type
_entity.pdbx_description
1 polymer 'Vitamin D3 receptor'
2 non-polymer (1S,3S,5Z,7E,14beta,17alpha)-9,10-secocholesta-5,7,10-triene-1,3,25-triol
3 non-polymer 'SULFATE ION'
4 water water
#
_entity_poly.entity_id   1
_entity_poly.type   'polypeptide(L)'
_entity_poly.pdbx_seq_one_letter_code
;GSHMDSLRPKLSEEQQRIIAILLDAHHKTYDPTYSDFCQFRPPVRVNDGGGSVTLELSQLSMLPHLADLVSYSIQKVIGF
AKMIPGFRDLTSEDQIVLLKSSAIEVIMLRSNESFTMDDMSWTCGNQDYKYRVSDVTKAGHSLELIEPLIKFQVGLKKLN
LHEEEHVLLMAICIVSPDRPGVQDAALIEAIQDRLSNTLQTYIRCRHPPPGSHLLYAKMIQKLADLRSLNEEHSKQYRCL
SFQPECSMKLTPLVLEVFGNEIS
;
_entity_poly.pdbx_strand_id   A
#
# COMPACT_ATOMS: atom_id res chain seq x y z
N ASP A 5 -16.94 16.59 25.74
CA ASP A 5 -18.36 16.52 25.27
C ASP A 5 -18.61 15.23 24.51
N SER A 6 -17.81 15.00 23.47
CA SER A 6 -17.90 13.75 22.69
C SER A 6 -17.69 12.55 23.61
N LEU A 7 -18.67 11.65 23.59
CA LEU A 7 -18.59 10.41 24.35
C LEU A 7 -17.42 9.56 23.86
N ARG A 8 -16.85 8.79 24.77
CA ARG A 8 -15.78 7.87 24.43
C ARG A 8 -16.16 6.45 24.82
N PRO A 9 -17.06 5.83 24.01
CA PRO A 9 -17.43 4.45 24.32
C PRO A 9 -16.21 3.55 24.25
N LYS A 10 -16.17 2.58 25.14
CA LYS A 10 -15.07 1.63 25.22
C LYS A 10 -15.14 0.66 24.06
N LEU A 11 -13.97 0.22 23.60
CA LEU A 11 -13.90 -0.85 22.62
C LEU A 11 -14.63 -2.06 23.16
N SER A 12 -15.51 -2.63 22.33
CA SER A 12 -16.21 -3.86 22.70
C SER A 12 -15.23 -5.03 22.67
N GLU A 13 -15.42 -6.01 23.71
CA GLU A 13 -14.63 -7.03 23.30
C GLU A 13 -14.34 -7.41 21.85
N GLU A 14 -15.56 -7.64 20.88
CA GLU A 14 -15.43 -7.92 19.45
C GLU A 14 -14.42 -6.99 18.78
N GLN A 15 -14.51 -5.69 19.06
CA GLN A 15 -13.59 -4.70 18.48
C GLN A 15 -12.16 -4.97 18.94
N GLN A 16 -12.01 -5.37 20.20
CA GLN A 16 -10.71 -5.77 20.74
C GLN A 16 -10.14 -6.97 20.01
N ARG A 17 -11.00 -7.96 19.73
CA ARG A 17 -10.63 -9.16 18.97
C ARG A 17 -10.22 -8.80 17.55
N ILE A 18 -11.01 -7.93 16.90
CA ILE A 18 -10.69 -7.44 15.55
C ILE A 18 -9.29 -6.81 15.50
N ILE A 19 -8.99 -5.93 16.44
CA ILE A 19 -7.68 -5.27 16.50
C ILE A 19 -6.56 -6.30 16.68
N ALA A 20 -6.76 -7.26 17.59
CA ALA A 20 -5.78 -8.31 17.86
C ALA A 20 -5.50 -9.15 16.60
N ILE A 21 -6.57 -9.51 15.90
CA ILE A 21 -6.47 -10.29 14.68
C ILE A 21 -5.68 -9.54 13.59
N LEU A 22 -6.02 -8.27 13.39
CA LEU A 22 -5.38 -7.44 12.37
C LEU A 22 -3.90 -7.16 12.68
N LEU A 23 -3.58 -6.96 13.96
CA LEU A 23 -2.19 -6.81 14.40
C LEU A 23 -1.38 -8.09 14.15
N ASP A 24 -1.95 -9.22 14.55
CA ASP A 24 -1.36 -10.54 14.28
C ASP A 24 -1.15 -10.76 12.79
N ALA A 25 -2.18 -10.46 12.00
CA ALA A 25 -2.14 -10.60 10.54
C ALA A 25 -0.97 -9.82 9.96
N HIS A 26 -0.86 -8.56 10.36
CA HIS A 26 0.20 -7.69 9.87
C HIS A 26 1.60 -8.18 10.27
N HIS A 27 1.74 -8.64 11.52
CA HIS A 27 3.04 -9.12 12.03
C HIS A 27 3.52 -10.37 11.29
N LYS A 28 2.57 -11.18 10.82
CA LYS A 28 2.87 -12.38 10.04
C LYS A 28 3.18 -12.09 8.58
N THR A 29 2.72 -10.95 8.09
CA THR A 29 2.78 -10.66 6.65
C THR A 29 3.65 -9.46 6.29
N TYR A 30 4.16 -8.75 7.30
CA TYR A 30 5.10 -7.66 7.08
C TYR A 30 6.39 -7.87 7.86
N ASP A 31 7.48 -8.06 7.12
CA ASP A 31 8.81 -8.28 7.68
C ASP A 31 9.56 -6.95 7.78
N PRO A 32 9.75 -6.44 9.01
CA PRO A 32 10.40 -5.13 9.17
C PRO A 32 11.92 -5.23 9.09
N THR A 33 12.43 -6.43 8.81
CA THR A 33 13.86 -6.64 8.59
C THR A 33 14.20 -6.76 7.10
N TYR A 34 13.16 -6.88 6.27
CA TYR A 34 13.32 -6.95 4.81
C TYR A 34 14.22 -8.12 4.38
N SER A 35 14.14 -9.21 5.13
CA SER A 35 15.09 -10.33 5.00
C SER A 35 14.93 -11.14 3.71
N ASP A 36 13.78 -11.02 3.05
CA ASP A 36 13.54 -11.73 1.79
C ASP A 36 14.01 -10.98 0.55
N PHE A 37 14.36 -9.71 0.72
CA PHE A 37 14.62 -8.80 -0.40
C PHE A 37 15.82 -9.23 -1.27
N CYS A 38 16.78 -9.90 -0.65
CA CYS A 38 17.94 -10.44 -1.39
C CYS A 38 17.55 -11.56 -2.35
N GLN A 39 16.34 -12.11 -2.19
CA GLN A 39 15.83 -13.15 -3.09
C GLN A 39 15.27 -12.58 -4.38
N PHE A 40 14.97 -11.29 -4.40
CA PHE A 40 14.45 -10.66 -5.60
C PHE A 40 15.58 -10.50 -6.62
N ARG A 41 15.20 -10.40 -7.89
CA ARG A 41 16.14 -10.01 -8.92
C ARG A 41 16.85 -8.73 -8.47
N PRO A 42 18.17 -8.66 -8.69
CA PRO A 42 18.97 -7.57 -8.12
C PRO A 42 18.56 -6.18 -8.60
N PRO A 43 18.69 -5.16 -7.73
CA PRO A 43 18.50 -3.79 -8.16
C PRO A 43 19.65 -3.43 -9.08
N VAL A 44 19.35 -2.71 -10.15
CA VAL A 44 20.38 -2.16 -11.02
C VAL A 44 20.06 -0.70 -11.22
N ARG A 45 21.08 0.14 -11.04
CA ARG A 45 20.91 1.59 -11.17
C ARG A 45 21.83 2.13 -12.24
N VAL A 46 21.29 2.32 -13.45
CA VAL A 46 22.07 2.87 -14.55
C VAL A 46 22.32 4.37 -14.33
N ASN A 47 23.39 4.89 -14.90
CA ASN A 47 23.70 6.31 -14.76
C ASN A 47 22.64 7.14 -15.47
N ASP A 48 21.84 7.88 -14.69
CA ASP A 48 20.73 8.65 -15.25
C ASP A 48 20.47 9.92 -14.43
N GLY A 49 21.53 10.70 -14.22
CA GLY A 49 21.43 11.96 -13.49
C GLY A 49 20.44 12.93 -14.11
N GLY A 50 20.31 12.87 -15.44
CA GLY A 50 19.41 13.76 -16.18
C GLY A 50 17.94 13.39 -16.15
N GLY A 51 17.64 12.17 -15.67
CA GLY A 51 16.26 11.71 -15.60
C GLY A 51 15.65 11.60 -16.98
N SER A 52 16.36 11.00 -17.95
CA SER A 52 15.98 10.78 -19.34
C SER A 52 14.95 9.65 -19.46
N VAL A 53 13.75 9.98 -19.92
CA VAL A 53 12.69 8.98 -20.11
C VAL A 53 13.11 7.92 -21.13
N THR A 54 13.74 8.35 -22.22
CA THR A 54 14.21 7.45 -23.27
C THR A 54 15.16 6.42 -22.69
N LEU A 55 16.13 6.88 -21.91
CA LEU A 55 17.09 5.99 -21.27
C LEU A 55 16.41 5.08 -20.24
N GLU A 56 15.53 5.66 -19.41
CA GLU A 56 14.81 4.88 -18.40
C GLU A 56 14.02 3.74 -19.01
N LEU A 57 13.29 4.04 -20.10
CA LEU A 57 12.52 3.02 -20.81
C LEU A 57 13.39 2.01 -21.54
N SER A 58 14.52 2.47 -22.08
CA SER A 58 15.43 1.59 -22.81
CA SER A 58 15.43 1.59 -22.81
C SER A 58 16.04 0.53 -21.90
N GLN A 59 16.32 0.93 -20.65
CA GLN A 59 16.97 0.03 -19.68
C GLN A 59 16.04 -0.62 -18.65
N LEU A 60 15.08 0.15 -18.13
CA LEU A 60 14.21 -0.31 -17.03
C LEU A 60 15.03 -1.08 -15.99
N SER A 61 16.15 -0.50 -15.57
CA SER A 61 17.15 -1.19 -14.77
C SER A 61 16.62 -1.62 -13.40
N MET A 62 15.79 -0.77 -12.80
CA MET A 62 15.22 -1.05 -11.49
C MET A 62 13.91 -1.83 -11.54
N LEU A 63 13.39 -2.07 -12.75
CA LEU A 63 12.09 -2.70 -12.88
C LEU A 63 12.00 -4.15 -12.38
N PRO A 64 12.93 -5.04 -12.81
CA PRO A 64 12.86 -6.42 -12.29
C PRO A 64 12.83 -6.51 -10.75
N HIS A 65 13.67 -5.73 -10.08
CA HIS A 65 13.73 -5.73 -8.63
C HIS A 65 12.46 -5.15 -7.98
N LEU A 66 12.01 -4.01 -8.48
CA LEU A 66 10.82 -3.37 -7.92
C LEU A 66 9.56 -4.16 -8.27
N ALA A 67 9.52 -4.76 -9.46
CA ALA A 67 8.41 -5.65 -9.82
C ALA A 67 8.35 -6.86 -8.89
N ASP A 68 9.53 -7.43 -8.58
CA ASP A 68 9.59 -8.56 -7.65
C ASP A 68 9.16 -8.14 -6.24
N LEU A 69 9.61 -6.97 -5.82
CA LEU A 69 9.22 -6.42 -4.51
C LEU A 69 7.70 -6.25 -4.43
N VAL A 70 7.14 -5.62 -5.46
CA VAL A 70 5.70 -5.37 -5.52
C VAL A 70 4.94 -6.70 -5.58
N SER A 71 5.40 -7.61 -6.44
CA SER A 71 4.78 -8.94 -6.54
C SER A 71 4.76 -9.69 -5.20
N TYR A 72 5.91 -9.72 -4.52
CA TYR A 72 6.06 -10.28 -3.18
C TYR A 72 5.05 -9.62 -2.23
N SER A 73 4.95 -8.30 -2.35
CA SER A 73 4.10 -7.51 -1.48
C SER A 73 2.62 -7.80 -1.72
N ILE A 74 2.24 -7.97 -2.99
CA ILE A 74 0.86 -8.38 -3.31
C ILE A 74 0.52 -9.70 -2.64
N GLN A 75 1.47 -10.64 -2.63
CA GLN A 75 1.25 -11.92 -1.98
C GLN A 75 1.00 -11.72 -0.50
N LYS A 76 1.78 -10.84 0.12
CA LYS A 76 1.61 -10.54 1.55
C LYS A 76 0.26 -9.88 1.84
N VAL A 77 -0.15 -8.97 0.96
CA VAL A 77 -1.44 -8.27 1.08
C VAL A 77 -2.59 -9.29 0.94
N ILE A 78 -2.43 -10.26 0.04
CA ILE A 78 -3.44 -11.33 -0.11
C ILE A 78 -3.61 -12.10 1.21
N GLY A 79 -2.49 -12.48 1.80
CA GLY A 79 -2.47 -13.14 3.11
C GLY A 79 -3.07 -12.32 4.22
N PHE A 80 -2.68 -11.03 4.27
CA PHE A 80 -3.25 -10.09 5.24
C PHE A 80 -4.76 -10.00 5.10
N ALA A 81 -5.22 -9.80 3.87
CA ALA A 81 -6.64 -9.64 3.57
C ALA A 81 -7.46 -10.84 4.00
N LYS A 82 -6.92 -12.04 3.80
CA LYS A 82 -7.63 -13.27 4.16
C LYS A 82 -7.89 -13.37 5.67
N MET A 83 -7.14 -12.59 6.44
CA MET A 83 -7.29 -12.57 7.90
CA MET A 83 -7.28 -12.57 7.89
C MET A 83 -8.18 -11.44 8.41
N ILE A 84 -8.59 -10.53 7.52
CA ILE A 84 -9.52 -9.47 7.92
C ILE A 84 -10.85 -10.14 8.31
N PRO A 85 -11.32 -9.90 9.55
CA PRO A 85 -12.62 -10.47 9.95
C PRO A 85 -13.73 -10.07 8.99
N GLY A 86 -14.40 -11.06 8.41
CA GLY A 86 -15.47 -10.82 7.45
C GLY A 86 -15.08 -11.05 6.00
N PHE A 87 -13.80 -10.87 5.68
CA PHE A 87 -13.33 -10.97 4.30
C PHE A 87 -13.65 -12.30 3.65
N ARG A 88 -13.50 -13.39 4.39
CA ARG A 88 -13.79 -14.72 3.88
C ARG A 88 -15.30 -15.00 3.75
N ASP A 89 -16.13 -14.16 4.36
CA ASP A 89 -17.59 -14.22 4.18
C ASP A 89 -18.02 -13.78 2.78
N LEU A 90 -17.13 -13.08 2.07
CA LEU A 90 -17.38 -12.63 0.69
C LEU A 90 -17.21 -13.76 -0.31
N THR A 91 -17.87 -13.63 -1.47
CA THR A 91 -17.64 -14.55 -2.59
C THR A 91 -16.21 -14.39 -3.06
N SER A 92 -15.64 -15.48 -3.59
CA SER A 92 -14.31 -15.46 -4.19
C SER A 92 -14.18 -14.33 -5.21
N GLU A 93 -15.20 -14.18 -6.07
CA GLU A 93 -15.24 -13.12 -7.08
C GLU A 93 -15.06 -11.74 -6.45
N ASP A 94 -15.81 -11.46 -5.39
CA ASP A 94 -15.69 -10.17 -4.68
C ASP A 94 -14.33 -10.01 -4.01
N GLN A 95 -13.83 -11.10 -3.41
CA GLN A 95 -12.51 -11.09 -2.77
C GLN A 95 -11.42 -10.67 -3.77
N ILE A 96 -11.46 -11.28 -4.95
CA ILE A 96 -10.46 -11.00 -6.00
C ILE A 96 -10.60 -9.58 -6.56
N VAL A 97 -11.84 -9.13 -6.75
CA VAL A 97 -12.07 -7.75 -7.18
C VAL A 97 -11.44 -6.75 -6.19
N LEU A 98 -11.68 -6.98 -4.91
CA LEU A 98 -11.17 -6.11 -3.86
C LEU A 98 -9.65 -6.12 -3.77
N LEU A 99 -9.07 -7.32 -3.90
CA LEU A 99 -7.62 -7.47 -3.83
C LEU A 99 -6.92 -6.80 -5.02
N LYS A 100 -7.44 -7.02 -6.22
CA LYS A 100 -6.82 -6.48 -7.42
C LYS A 100 -6.92 -4.95 -7.47
N SER A 101 -8.05 -4.40 -7.02
CA SER A 101 -8.25 -2.97 -7.03
C SER A 101 -7.50 -2.23 -5.91
N SER A 102 -7.32 -2.89 -4.76
CA SER A 102 -6.67 -2.25 -3.62
C SER A 102 -5.16 -2.51 -3.48
N ALA A 103 -4.66 -3.57 -4.13
CA ALA A 103 -3.26 -3.99 -3.96
C ALA A 103 -2.23 -2.86 -3.95
N ILE A 104 -2.23 -2.03 -4.98
CA ILE A 104 -1.24 -0.96 -5.07
C ILE A 104 -1.38 0.07 -3.93
N GLU A 105 -2.61 0.33 -3.53
CA GLU A 105 -2.90 1.29 -2.44
C GLU A 105 -2.39 0.75 -1.11
N VAL A 106 -2.63 -0.53 -0.85
CA VAL A 106 -2.17 -1.17 0.39
C VAL A 106 -0.64 -1.25 0.41
N ILE A 107 -0.05 -1.49 -0.76
CA ILE A 107 1.41 -1.47 -0.90
CA ILE A 107 1.41 -1.46 -0.91
C ILE A 107 1.93 -0.08 -0.50
N MET A 108 1.28 0.96 -1.01
CA MET A 108 1.67 2.34 -0.68
C MET A 108 1.53 2.60 0.82
N LEU A 109 0.41 2.14 1.40
CA LEU A 109 0.19 2.23 2.85
C LEU A 109 1.25 1.47 3.67
N ARG A 110 1.42 0.18 3.38
CA ARG A 110 2.34 -0.66 4.15
C ARG A 110 3.81 -0.24 4.00
N SER A 111 4.16 0.34 2.86
CA SER A 111 5.51 0.86 2.61
C SER A 111 5.92 1.98 3.56
N ASN A 112 4.93 2.65 4.14
CA ASN A 112 5.21 3.75 5.05
C ASN A 112 6.10 3.38 6.25
N GLU A 113 6.05 2.12 6.68
CA GLU A 113 6.90 1.64 7.78
C GLU A 113 8.38 1.79 7.43
N SER A 114 8.71 1.53 6.17
CA SER A 114 10.10 1.58 5.72
C SER A 114 10.51 2.97 5.24
N PHE A 115 9.51 3.81 4.97
CA PHE A 115 9.76 5.18 4.59
C PHE A 115 10.37 5.96 5.73
N THR A 116 11.36 6.79 5.40
CA THR A 116 11.98 7.64 6.40
C THR A 116 12.09 9.09 5.94
N MET A 117 11.74 10.00 6.83
CA MET A 117 11.89 11.42 6.54
C MET A 117 13.31 11.93 6.79
N ASP A 118 14.20 11.03 7.21
CA ASP A 118 15.62 11.36 7.37
C ASP A 118 16.16 11.85 6.03
N ASP A 119 15.79 11.14 4.95
CA ASP A 119 16.25 11.47 3.60
C ASP A 119 15.20 11.23 2.50
N MET A 120 13.94 11.05 2.89
CA MET A 120 12.83 10.85 1.95
C MET A 120 13.01 9.62 1.06
N SER A 121 13.37 8.51 1.69
CA SER A 121 13.54 7.25 0.98
C SER A 121 12.75 6.15 1.66
N TRP A 122 12.56 5.05 0.94
CA TRP A 122 12.15 3.81 1.55
C TRP A 122 13.45 3.05 1.79
N THR A 123 13.87 2.99 3.05
CA THR A 123 15.10 2.34 3.43
C THR A 123 14.81 0.93 3.94
N CYS A 124 15.19 -0.06 3.14
CA CYS A 124 14.93 -1.45 3.48
C CYS A 124 16.21 -2.26 3.64
N GLY A 125 17.20 -1.68 4.33
CA GLY A 125 18.49 -2.34 4.52
C GLY A 125 19.64 -1.43 4.11
N ASN A 126 20.72 -2.02 3.60
CA ASN A 126 21.85 -1.23 3.13
C ASN A 126 21.50 -0.43 1.89
N GLN A 127 22.58 0.42 1.14
CA GLN A 127 22.56 1.34 -0.05
C GLN A 127 21.80 0.66 -1.18
N ASP A 128 21.82 -0.90 -1.11
CA ASP A 128 21.22 -1.72 -2.18
C ASP A 128 19.70 -1.64 -2.18
N TYR A 129 19.10 -1.76 -0.99
CA TYR A 129 17.64 -1.75 -0.86
C TYR A 129 17.12 -0.45 -0.24
N LYS A 130 17.84 0.63 -0.51
CA LYS A 130 17.34 1.97 -0.24
C LYS A 130 16.75 2.50 -1.54
N TYR A 131 15.45 2.77 -1.52
CA TYR A 131 14.75 3.20 -2.73
C TYR A 131 14.38 4.68 -2.68
N ARG A 132 14.91 5.41 -3.66
CA ARG A 132 14.69 6.85 -3.78
CA ARG A 132 14.69 6.85 -3.79
C ARG A 132 13.81 7.13 -4.99
N VAL A 133 13.35 8.39 -5.12
CA VAL A 133 12.57 8.81 -6.29
CA VAL A 133 12.59 8.85 -6.29
C VAL A 133 13.27 8.40 -7.59
N SER A 134 14.59 8.52 -7.64
CA SER A 134 15.38 8.19 -8.82
C SER A 134 15.36 6.70 -9.15
N ASP A 135 15.10 5.86 -8.16
CA ASP A 135 14.95 4.41 -8.41
C ASP A 135 13.62 4.08 -9.08
N VAL A 136 12.58 4.83 -8.72
CA VAL A 136 11.24 4.63 -9.29
C VAL A 136 11.20 5.13 -10.74
N THR A 137 11.91 6.22 -11.02
CA THR A 137 12.06 6.68 -12.40
C THR A 137 12.80 5.65 -13.24
N LYS A 138 13.74 4.94 -12.62
CA LYS A 138 14.50 3.88 -13.30
C LYS A 138 13.67 2.62 -13.56
N ALA A 139 12.48 2.55 -12.96
CA ALA A 139 11.53 1.46 -13.21
C ALA A 139 10.45 1.89 -14.21
N GLY A 140 10.62 3.09 -14.79
CA GLY A 140 9.78 3.55 -15.88
C GLY A 140 8.62 4.46 -15.49
N HIS A 141 8.58 4.87 -14.23
CA HIS A 141 7.53 5.80 -13.76
C HIS A 141 7.98 7.25 -13.84
N SER A 142 7.00 8.16 -13.83
CA SER A 142 7.25 9.58 -13.95
C SER A 142 6.94 10.31 -12.64
N LEU A 143 7.45 11.54 -12.53
CA LEU A 143 7.29 12.36 -11.33
CA LEU A 143 7.29 12.34 -11.32
C LEU A 143 5.83 12.64 -10.98
N GLU A 144 4.97 12.62 -11.99
CA GLU A 144 3.53 12.86 -11.80
C GLU A 144 2.92 11.81 -10.85
N LEU A 145 3.54 10.64 -10.76
CA LEU A 145 3.19 9.66 -9.73
C LEU A 145 4.09 9.75 -8.51
N ILE A 146 5.40 9.84 -8.72
CA ILE A 146 6.37 9.70 -7.62
C ILE A 146 6.33 10.86 -6.63
N GLU A 147 6.19 12.08 -7.14
CA GLU A 147 6.16 13.25 -6.26
C GLU A 147 4.93 13.29 -5.34
N PRO A 148 3.71 13.12 -5.89
CA PRO A 148 2.59 12.94 -4.95
C PRO A 148 2.70 11.70 -4.06
N LEU A 149 3.38 10.65 -4.51
CA LEU A 149 3.59 9.47 -3.66
C LEU A 149 4.47 9.82 -2.45
N ILE A 150 5.55 10.54 -2.68
CA ILE A 150 6.42 11.01 -1.57
C ILE A 150 5.65 11.93 -0.63
N LYS A 151 4.89 12.87 -1.19
CA LYS A 151 4.06 13.76 -0.39
C LYS A 151 3.08 12.98 0.49
N PHE A 152 2.45 11.97 -0.09
CA PHE A 152 1.56 11.06 0.64
C PHE A 152 2.29 10.39 1.79
N GLN A 153 3.49 9.86 1.50
CA GLN A 153 4.28 9.15 2.53
C GLN A 153 4.60 10.04 3.71
N VAL A 154 5.03 11.27 3.43
CA VAL A 154 5.28 12.26 4.47
C VAL A 154 4.00 12.57 5.27
N GLY A 155 2.91 12.86 4.56
CA GLY A 155 1.63 13.14 5.20
C GLY A 155 1.19 12.03 6.13
N LEU A 156 1.36 10.79 5.66
CA LEU A 156 1.04 9.60 6.44
C LEU A 156 1.94 9.45 7.64
N LYS A 157 3.24 9.68 7.43
CA LYS A 157 4.21 9.60 8.52
C LYS A 157 3.85 10.52 9.65
N LYS A 158 3.42 11.73 9.27
CA LYS A 158 3.18 12.78 10.24
C LYS A 158 1.91 12.60 11.04
N LEU A 159 1.04 11.69 10.60
CA LEU A 159 -0.14 11.31 11.38
C LEU A 159 0.26 10.51 12.61
N ASN A 160 1.49 9.98 12.60
CA ASN A 160 2.03 9.18 13.71
C ASN A 160 1.05 8.10 14.16
N LEU A 161 0.58 7.30 13.22
CA LEU A 161 -0.40 6.27 13.52
C LEU A 161 0.13 5.23 14.50
N HIS A 162 -0.73 4.85 15.43
CA HIS A 162 -0.54 3.64 16.23
C HIS A 162 -0.62 2.49 15.24
N GLU A 163 0.08 1.39 15.53
CA GLU A 163 0.01 0.23 14.63
C GLU A 163 -1.43 -0.26 14.49
N GLU A 164 -2.20 -0.17 15.57
CA GLU A 164 -3.62 -0.49 15.55
C GLU A 164 -4.36 0.30 14.46
N GLU A 165 -4.07 1.59 14.36
CA GLU A 165 -4.70 2.46 13.36
C GLU A 165 -4.20 2.16 11.95
N HIS A 166 -2.92 1.85 11.85
CA HIS A 166 -2.28 1.47 10.60
C HIS A 166 -2.92 0.20 10.00
N VAL A 167 -3.10 -0.84 10.81
CA VAL A 167 -3.64 -2.10 10.29
C VAL A 167 -5.12 -1.98 9.97
N LEU A 168 -5.85 -1.20 10.77
CA LEU A 168 -7.25 -0.89 10.49
C LEU A 168 -7.41 -0.13 9.19
N LEU A 169 -6.53 0.85 8.95
CA LEU A 169 -6.57 1.63 7.72
C LEU A 169 -6.37 0.74 6.48
N MET A 170 -5.41 -0.18 6.56
CA MET A 170 -5.17 -1.10 5.44
C MET A 170 -6.38 -2.00 5.18
N ALA A 171 -7.00 -2.49 6.26
CA ALA A 171 -8.17 -3.35 6.15
C ALA A 171 -9.37 -2.61 5.57
N ILE A 172 -9.57 -1.37 6.03
CA ILE A 172 -10.64 -0.51 5.50
C ILE A 172 -10.41 -0.23 4.01
N CYS A 173 -9.16 0.03 3.66
CA CYS A 173 -8.77 0.22 2.27
C CYS A 173 -9.15 -0.96 1.37
N ILE A 174 -8.85 -2.17 1.83
CA ILE A 174 -9.13 -3.40 1.06
C ILE A 174 -10.63 -3.65 0.93
N VAL A 175 -11.34 -3.56 2.06
CA VAL A 175 -12.76 -3.88 2.05
C VAL A 175 -13.59 -2.62 1.72
N SER A 176 -13.46 -2.14 0.48
CA SER A 176 -14.16 -0.94 0.05
C SER A 176 -15.33 -1.32 -0.87
N PRO A 177 -16.56 -0.93 -0.49
CA PRO A 177 -17.72 -1.32 -1.29
C PRO A 177 -17.81 -0.59 -2.63
N ASP A 178 -17.00 0.45 -2.81
CA ASP A 178 -17.03 1.23 -4.04
C ASP A 178 -15.82 0.96 -4.93
N ARG A 179 -15.62 -0.31 -5.26
CA ARG A 179 -14.65 -0.69 -6.27
C ARG A 179 -15.47 -1.19 -7.44
N PRO A 180 -15.09 -0.80 -8.68
CA PRO A 180 -15.78 -1.30 -9.87
C PRO A 180 -15.80 -2.83 -9.93
N GLY A 181 -16.94 -3.40 -10.30
CA GLY A 181 -17.07 -4.84 -10.44
C GLY A 181 -17.51 -5.63 -9.21
N VAL A 182 -17.62 -4.97 -8.05
CA VAL A 182 -18.11 -5.67 -6.85
C VAL A 182 -19.57 -6.11 -7.00
N GLN A 183 -19.88 -7.30 -6.51
CA GLN A 183 -21.24 -7.84 -6.59
C GLN A 183 -22.04 -7.41 -5.36
N ASP A 184 -21.59 -7.84 -4.19
CA ASP A 184 -22.34 -7.60 -2.96
C ASP A 184 -21.77 -6.41 -2.21
N ALA A 185 -22.08 -5.22 -2.72
CA ALA A 185 -21.65 -3.96 -2.12
C ALA A 185 -22.13 -3.82 -0.68
N ALA A 186 -23.36 -4.27 -0.39
CA ALA A 186 -23.92 -4.19 0.96
C ALA A 186 -23.13 -4.99 1.99
N LEU A 187 -22.76 -6.23 1.66
CA LEU A 187 -21.95 -7.04 2.57
C LEU A 187 -20.56 -6.43 2.80
N ILE A 188 -19.91 -6.01 1.71
CA ILE A 188 -18.62 -5.33 1.80
C ILE A 188 -18.70 -4.08 2.69
N GLU A 189 -19.75 -3.29 2.49
CA GLU A 189 -19.97 -2.08 3.28
C GLU A 189 -20.17 -2.42 4.76
N ALA A 190 -20.91 -3.50 5.03
CA ALA A 190 -21.12 -3.96 6.42
C ALA A 190 -19.80 -4.37 7.07
N ILE A 191 -18.98 -5.11 6.33
CA ILE A 191 -17.63 -5.48 6.80
C ILE A 191 -16.79 -4.22 7.04
N GLN A 192 -16.82 -3.29 6.09
CA GLN A 192 -16.03 -2.06 6.23
C GLN A 192 -16.49 -1.21 7.41
N ASP A 193 -17.81 -1.13 7.60
CA ASP A 193 -18.39 -0.35 8.72
C ASP A 193 -17.92 -0.87 10.07
N ARG A 194 -17.88 -2.19 10.21
CA ARG A 194 -17.41 -2.82 11.44
C ARG A 194 -15.96 -2.38 11.75
N LEU A 195 -15.14 -2.33 10.71
CA LEU A 195 -13.75 -1.89 10.82
C LEU A 195 -13.64 -0.39 11.09
N SER A 196 -14.42 0.40 10.36
CA SER A 196 -14.45 1.85 10.53
C SER A 196 -14.88 2.24 11.93
N ASN A 197 -15.91 1.57 12.44
CA ASN A 197 -16.40 1.76 13.80
C ASN A 197 -15.35 1.41 14.85
N THR A 198 -14.63 0.31 14.60
CA THR A 198 -13.49 -0.07 15.45
C THR A 198 -12.44 1.03 15.46
N LEU A 199 -12.07 1.53 14.28
CA LEU A 199 -11.07 2.58 14.18
C LEU A 199 -11.50 3.87 14.89
N GLN A 200 -12.73 4.30 14.64
CA GLN A 200 -13.24 5.53 15.24
C GLN A 200 -13.25 5.44 16.77
N THR A 201 -13.70 4.28 17.27
CA THR A 201 -13.75 4.01 18.70
C THR A 201 -12.34 3.96 19.29
N TYR A 202 -11.43 3.28 18.60
CA TYR A 202 -10.05 3.17 19.05
C TYR A 202 -9.44 4.56 19.22
N ILE A 203 -9.54 5.38 18.17
CA ILE A 203 -8.98 6.74 18.18
C ILE A 203 -9.51 7.57 19.36
N ARG A 204 -10.82 7.50 19.59
CA ARG A 204 -11.47 8.31 20.60
C ARG A 204 -11.10 7.91 22.03
N CYS A 205 -10.79 6.65 22.27
CA CYS A 205 -10.46 6.24 23.64
C CYS A 205 -9.00 5.85 23.88
N ARG A 206 -8.22 5.63 22.81
CA ARG A 206 -6.84 5.17 22.98
C ARG A 206 -5.77 6.11 22.41
N HIS A 207 -6.18 7.06 21.57
CA HIS A 207 -5.22 7.97 20.97
C HIS A 207 -5.14 9.28 21.75
N PRO A 208 -3.96 9.56 22.35
CA PRO A 208 -3.75 10.78 23.16
C PRO A 208 -3.83 12.05 22.31
N PRO A 209 -4.22 13.18 22.95
CA PRO A 209 -4.14 14.46 22.26
C PRO A 209 -2.69 14.92 22.18
N PRO A 210 -2.36 15.87 21.28
CA PRO A 210 -3.23 16.50 20.27
C PRO A 210 -3.23 15.75 18.92
N GLY A 211 -2.50 14.65 18.83
CA GLY A 211 -2.43 13.83 17.61
C GLY A 211 -3.75 13.18 17.22
N SER A 212 -4.65 13.01 18.20
CA SER A 212 -5.98 12.45 17.96
C SER A 212 -6.94 13.39 17.26
N HIS A 213 -6.61 14.69 17.25
CA HIS A 213 -7.50 15.73 16.76
C HIS A 213 -7.85 15.57 15.27
N LEU A 214 -9.12 15.27 15.01
CA LEU A 214 -9.63 15.06 13.66
C LEU A 214 -8.82 13.99 12.92
N LEU A 215 -8.23 13.07 13.69
CA LEU A 215 -7.38 12.03 13.10
C LEU A 215 -8.17 11.12 12.15
N TYR A 216 -9.36 10.69 12.57
CA TYR A 216 -10.17 9.83 11.71
C TYR A 216 -10.43 10.43 10.33
N ALA A 217 -10.78 11.72 10.30
CA ALA A 217 -11.01 12.43 9.03
C ALA A 217 -9.73 12.53 8.18
N LYS A 218 -8.59 12.75 8.83
CA LYS A 218 -7.30 12.79 8.15
C LYS A 218 -6.99 11.41 7.54
N MET A 219 -7.35 10.35 8.25
CA MET A 219 -7.13 8.98 7.76
C MET A 219 -8.05 8.65 6.58
N ILE A 220 -9.30 9.09 6.66
CA ILE A 220 -10.25 8.96 5.54
C ILE A 220 -9.76 9.75 4.33
N GLN A 221 -9.19 10.94 4.55
CA GLN A 221 -8.58 11.69 3.46
C GLN A 221 -7.41 10.94 2.77
N LYS A 222 -6.61 10.21 3.55
CA LYS A 222 -5.54 9.37 2.97
C LYS A 222 -6.10 8.33 2.01
N LEU A 223 -7.25 7.74 2.36
CA LEU A 223 -7.90 6.77 1.49
C LEU A 223 -8.29 7.40 0.14
N ALA A 224 -8.78 8.63 0.18
CA ALA A 224 -9.09 9.38 -1.04
C ALA A 224 -7.82 9.65 -1.86
N ASP A 225 -6.75 10.06 -1.17
CA ASP A 225 -5.44 10.30 -1.78
C ASP A 225 -4.97 9.05 -2.53
N LEU A 226 -5.14 7.89 -1.89
CA LEU A 226 -4.74 6.59 -2.46
C LEU A 226 -5.47 6.25 -3.75
N ARG A 227 -6.74 6.65 -3.84
CA ARG A 227 -7.53 6.47 -5.08
C ARG A 227 -6.88 7.20 -6.24
N SER A 228 -6.45 8.43 -5.97
CA SER A 228 -5.75 9.26 -6.94
C SER A 228 -4.41 8.64 -7.35
N LEU A 229 -3.64 8.17 -6.36
CA LEU A 229 -2.36 7.54 -6.66
C LEU A 229 -2.55 6.25 -7.48
N ASN A 230 -3.58 5.48 -7.11
CA ASN A 230 -3.97 4.27 -7.83
C ASN A 230 -4.23 4.60 -9.31
N GLU A 231 -5.05 5.62 -9.56
CA GLU A 231 -5.40 6.02 -10.93
C GLU A 231 -4.15 6.37 -11.74
N GLU A 232 -3.26 7.15 -11.14
CA GLU A 232 -2.03 7.57 -11.81
C GLU A 232 -1.09 6.39 -12.04
N HIS A 233 -0.95 5.52 -11.05
CA HIS A 233 -0.13 4.32 -11.21
C HIS A 233 -0.62 3.47 -12.38
N SER A 234 -1.93 3.24 -12.46
CA SER A 234 -2.54 2.45 -13.53
C SER A 234 -2.24 3.03 -14.92
N LYS A 235 -2.40 4.34 -15.06
CA LYS A 235 -2.10 5.05 -16.31
C LYS A 235 -0.64 4.86 -16.71
N GLN A 236 0.25 5.00 -15.74
CA GLN A 236 1.68 4.87 -16.01
C GLN A 236 2.08 3.42 -16.26
N TYR A 237 1.47 2.49 -15.52
CA TYR A 237 1.69 1.07 -15.75
C TYR A 237 1.34 0.69 -17.20
N ARG A 238 0.22 1.21 -17.69
CA ARG A 238 -0.23 0.94 -19.05
C ARG A 238 0.85 1.34 -20.07
N CYS A 239 1.40 2.54 -19.90
CA CYS A 239 2.42 3.04 -20.80
C CYS A 239 3.75 2.28 -20.68
N LEU A 240 4.10 1.93 -19.43
CA LEU A 240 5.28 1.10 -19.17
C LEU A 240 5.15 -0.25 -19.90
N SER A 241 3.96 -0.82 -19.88
CA SER A 241 3.69 -2.11 -20.53
C SER A 241 3.82 -2.12 -22.07
N PHE A 242 3.80 -0.93 -22.68
CA PHE A 242 4.04 -0.82 -24.13
C PHE A 242 5.51 -1.05 -24.50
N GLN A 243 6.39 -1.00 -23.51
CA GLN A 243 7.81 -1.19 -23.78
C GLN A 243 8.07 -2.64 -24.17
N PRO A 244 8.62 -2.86 -25.38
CA PRO A 244 8.92 -4.23 -25.80
C PRO A 244 9.80 -4.93 -24.76
N GLU A 245 9.47 -6.19 -24.45
CA GLU A 245 10.20 -7.04 -23.48
C GLU A 245 9.86 -6.74 -22.01
N CYS A 246 8.92 -5.81 -21.78
CA CYS A 246 8.54 -5.43 -20.42
C CYS A 246 7.98 -6.57 -19.57
N SER A 247 7.19 -7.45 -20.20
CA SER A 247 6.52 -8.52 -19.45
C SER A 247 7.53 -9.41 -18.69
N MET A 248 8.68 -9.65 -19.31
CA MET A 248 9.78 -10.42 -18.72
C MET A 248 10.37 -9.78 -17.47
N LYS A 249 10.28 -8.45 -17.39
CA LYS A 249 10.78 -7.69 -16.25
C LYS A 249 9.75 -7.61 -15.11
N LEU A 250 8.53 -8.04 -15.40
CA LEU A 250 7.46 -8.06 -14.40
C LEU A 250 7.32 -9.48 -13.82
N THR A 251 6.15 -9.79 -13.27
CA THR A 251 5.81 -11.15 -12.84
C THR A 251 4.39 -11.45 -13.32
N PRO A 252 4.04 -12.75 -13.44
CA PRO A 252 2.64 -13.11 -13.77
C PRO A 252 1.61 -12.46 -12.85
N LEU A 253 1.89 -12.39 -11.55
CA LEU A 253 0.97 -11.76 -10.61
C LEU A 253 0.81 -10.26 -10.89
N VAL A 254 1.94 -9.57 -11.06
CA VAL A 254 1.94 -8.15 -11.37
C VAL A 254 1.18 -7.90 -12.68
N LEU A 255 1.47 -8.73 -13.68
CA LEU A 255 0.79 -8.63 -14.98
C LEU A 255 -0.71 -8.78 -14.86
N GLU A 256 -1.17 -9.69 -14.00
CA GLU A 256 -2.61 -9.89 -13.82
C GLU A 256 -3.27 -8.74 -13.08
N VAL A 257 -2.65 -8.29 -11.99
CA VAL A 257 -3.25 -7.27 -11.13
C VAL A 257 -3.36 -5.93 -11.85
N PHE A 258 -2.34 -5.60 -12.64
CA PHE A 258 -2.27 -4.28 -13.26
C PHE A 258 -2.60 -4.23 -14.75
N GLY A 259 -2.70 -5.39 -15.39
CA GLY A 259 -3.03 -5.47 -16.80
C GLY A 259 -4.52 -5.54 -17.05
#